data_6VOS
#
_entry.id   6VOS
#
_cell.length_a   111.260
_cell.length_b   111.260
_cell.length_c   141.040
_cell.angle_alpha   90.000
_cell.angle_beta   90.000
_cell.angle_gamma   90.000
#
_symmetry.space_group_name_H-M   'P 43 21 2'
#
loop_
_entity.id
_entity.type
_entity.pdbx_description
1 polymer 'RM20J Fab heavy chain'
2 polymer 'RM20J Fab light chain'
3 non-polymer TRIS(HYDROXYETHYL)AMINOMETHANE
4 non-polymer 'NONAETHYLENE GLYCOL'
5 non-polymer 'HEXAETHYLENE GLYCOL'
6 non-polymer 3,6,9,12,15,18,21-HEPTAOXATRICOSANE-1,23-DIOL
7 water water
#
loop_
_entity_poly.entity_id
_entity_poly.type
_entity_poly.pdbx_seq_one_letter_code
_entity_poly.pdbx_strand_id
1 'polypeptide(L)'
;QVQLQESGPAVVQPSETLSLTCAVSGGSISGGYGWTWIRQAPGKALEWIGNIYGHSGSTNYKSSLKRRLTISTDTSKNQF
SLKLTSVTAADTAVYYCARWSTADFDYWGQGVLVTVSSASTKGPSVFPLAPSSKSTSGGTAALGCLVKDYFPEPVTVSWN
SGALTSGVHTFPAVLQSSGLYSLSSVVTVPSSSLGTQTYICNVNHKPSNTKVDKRVEPKSCD
;
H
2 'polypeptide(L)'
;DIVMTQSPSSLSASVGDTVTITCRASQDITNDLAWYQQKPGKAPKALIYYASNLESGVPSRFSGSGAGTDFTLTISSLQP
EDFALYYCQQHNNYPLTFGPGTKVDIKRTVAAPSVFIFPPSDEQLKSGTASVVCLLNNFYPREAKVQWKVDNALQSGNSQ
ESVTEQDSKDSTYSLSSTLTLSKADYEKHKVYACEVTHQGLSSPVTKSFNRGEC
;
L
#
# COMPACT_ATOMS: atom_id res chain seq x y z
N GLN A 1 19.97 -16.25 16.24
N GLN A 1 20.96 -16.44 17.82
CA GLN A 1 21.20 -15.66 16.75
CA GLN A 1 21.74 -15.63 16.90
C GLN A 1 21.06 -14.16 16.91
C GLN A 1 21.36 -14.15 17.02
N VAL A 2 21.59 -13.40 15.94
CA VAL A 2 21.40 -11.95 15.96
C VAL A 2 19.93 -11.62 15.76
N GLN A 3 19.39 -10.79 16.66
CA GLN A 3 17.99 -10.40 16.61
C GLN A 3 17.87 -8.92 16.88
N LEU A 4 17.03 -8.26 16.10
CA LEU A 4 16.74 -6.84 16.23
C LEU A 4 15.27 -6.69 16.57
N GLN A 5 14.95 -5.77 17.48
CA GLN A 5 13.55 -5.47 17.76
C GLN A 5 13.35 -3.98 17.89
N GLU A 6 12.50 -3.41 17.02
CA GLU A 6 12.09 -2.03 17.15
C GLU A 6 11.13 -1.84 18.32
N SER A 7 11.12 -0.63 18.86
CA SER A 7 10.06 -0.15 19.72
C SER A 7 9.98 1.37 19.58
N GLY A 8 8.78 1.89 19.81
CA GLY A 8 8.53 3.31 19.76
C GLY A 8 7.05 3.61 19.68
N PRO A 9 6.69 4.88 19.69
CA PRO A 9 5.27 5.26 19.68
C PRO A 9 4.64 5.01 18.32
N ALA A 10 3.34 4.72 18.34
CA ALA A 10 2.57 4.43 17.13
C ALA A 10 2.04 5.69 16.46
N VAL A 11 1.87 6.76 17.22
CA VAL A 11 1.31 8.02 16.73
C VAL A 11 2.20 9.16 17.21
N VAL A 12 2.62 10.01 16.28
CA VAL A 12 3.36 11.23 16.60
C VAL A 12 2.56 12.40 16.07
N GLN A 13 2.34 13.40 16.92
CA GLN A 13 1.65 14.60 16.50
C GLN A 13 2.51 15.34 15.46
N PRO A 14 1.87 15.91 14.43
CA PRO A 14 2.62 16.74 13.46
C PRO A 14 3.53 17.74 14.14
N SER A 15 4.76 17.84 13.63
CA SER A 15 5.84 18.74 14.04
C SER A 15 6.48 18.33 15.37
N GLU A 16 5.97 17.28 16.03
CA GLU A 16 6.69 16.71 17.16
C GLU A 16 7.87 15.87 16.64
N THR A 17 8.57 15.23 17.57
CA THR A 17 9.75 14.43 17.27
C THR A 17 9.42 12.95 17.35
N LEU A 18 9.80 12.20 16.32
CA LEU A 18 9.69 10.75 16.31
C LEU A 18 10.94 10.11 16.92
N SER A 19 10.75 9.25 17.91
CA SER A 19 11.86 8.57 18.59
C SER A 19 11.65 7.06 18.53
N LEU A 20 12.67 6.33 18.08
CA LEU A 20 12.60 4.87 18.05
C LEU A 20 13.90 4.27 18.54
N THR A 21 13.80 3.05 19.09
CA THR A 21 14.99 2.32 19.52
C THR A 21 14.92 0.89 18.99
N CYS A 22 16.08 0.38 18.55
CA CYS A 22 16.24 -1.02 18.19
C CYS A 22 17.14 -1.67 19.25
N ALA A 23 16.63 -2.72 19.89
CA ALA A 23 17.40 -3.52 20.82
C ALA A 23 17.99 -4.71 20.07
N VAL A 24 19.31 -4.89 20.22
CA VAL A 24 20.07 -5.89 19.49
C VAL A 24 20.52 -6.96 20.47
N SER A 25 20.28 -8.21 20.12
CA SER A 25 20.78 -9.33 20.91
C SER A 25 21.50 -10.31 19.99
N GLY A 26 22.31 -11.19 20.60
CA GLY A 26 23.12 -12.12 19.86
C GLY A 26 24.38 -11.53 19.24
N GLY A 27 24.66 -10.26 19.50
CA GLY A 27 25.82 -9.57 18.95
C GLY A 27 25.99 -8.21 19.61
N SER A 28 27.20 -7.69 19.64
CA SER A 28 27.46 -6.41 20.28
C SER A 28 27.11 -5.23 19.36
N ILE A 29 26.49 -4.20 19.93
CA ILE A 29 26.19 -2.98 19.20
C ILE A 29 27.47 -2.26 18.76
N SER A 30 28.59 -2.58 19.39
CA SER A 30 29.88 -2.00 19.02
C SER A 30 30.58 -2.76 17.89
N GLY A 31 29.97 -3.81 17.34
CA GLY A 31 30.57 -4.48 16.20
C GLY A 31 30.64 -3.56 15.00
N GLY A 32 31.59 -3.86 14.11
CA GLY A 32 31.78 -3.09 12.90
C GLY A 32 30.70 -3.35 11.87
N TYR A 33 29.47 -2.98 12.18
CA TYR A 33 28.36 -3.16 11.27
C TYR A 33 27.61 -1.84 11.13
N GLY A 34 26.85 -1.73 10.04
CA GLY A 34 26.06 -0.53 9.82
C GLY A 34 24.65 -0.66 10.36
N TRP A 35 24.40 -0.15 11.56
CA TRP A 35 23.06 -0.18 12.15
C TRP A 35 22.20 0.88 11.47
N THR A 36 21.15 0.44 10.79
CA THR A 36 20.48 1.21 9.76
C THR A 36 19.00 1.37 10.06
N TRP A 37 18.48 2.54 9.75
CA TRP A 37 17.04 2.78 9.73
C TRP A 37 16.58 2.95 8.29
N ILE A 38 15.51 2.23 7.96
CA ILE A 38 14.85 2.19 6.67
C ILE A 38 13.35 2.29 6.90
N ARG A 39 12.63 2.95 5.99
CA ARG A 39 11.20 3.07 6.20
C ARG A 39 10.47 2.83 4.89
N GLN A 40 9.19 2.50 5.01
CA GLN A 40 8.35 2.18 3.86
C GLN A 40 7.02 2.86 4.07
N ALA A 41 6.75 3.87 3.27
CA ALA A 41 5.49 4.60 3.36
C ALA A 41 4.42 3.85 2.58
N PRO A 42 3.15 4.04 2.94
CA PRO A 42 2.05 3.40 2.19
C PRO A 42 2.23 3.44 0.68
N GLY A 43 2.30 2.27 0.06
CA GLY A 43 2.41 2.16 -1.37
C GLY A 43 3.67 2.74 -1.97
N LYS A 44 4.79 2.71 -1.24
CA LYS A 44 6.01 3.29 -1.74
C LYS A 44 7.17 2.33 -1.52
N ALA A 45 8.26 2.57 -2.25
CA ALA A 45 9.42 1.73 -2.13
C ALA A 45 10.11 1.97 -0.80
N LEU A 46 10.88 0.98 -0.35
CA LEU A 46 11.73 1.20 0.80
C LEU A 46 12.65 2.40 0.60
N GLU A 47 12.82 3.17 1.68
CA GLU A 47 13.61 4.40 1.68
C GLU A 47 14.64 4.29 2.78
N TRP A 48 15.90 4.44 2.41
CA TRP A 48 17.00 4.39 3.37
C TRP A 48 17.08 5.73 4.10
N ILE A 49 16.97 5.68 5.42
CA ILE A 49 17.01 6.89 6.24
C ILE A 49 18.44 7.20 6.66
N GLY A 50 19.17 6.20 7.11
CA GLY A 50 20.54 6.45 7.52
C GLY A 50 21.06 5.35 8.43
N ASN A 51 22.31 5.52 8.85
CA ASN A 51 22.94 4.50 9.68
C ASN A 51 23.97 5.12 10.62
N ILE A 52 24.38 4.31 11.59
CA ILE A 52 25.57 4.56 12.40
C ILE A 52 26.36 3.26 12.49
N TYR A 53 27.67 3.35 12.41
CA TYR A 53 28.51 2.17 12.45
C TYR A 53 28.93 1.90 13.89
N GLY A 54 28.75 0.65 14.32
CA GLY A 54 28.90 0.33 15.73
C GLY A 54 30.27 0.65 16.29
N HIS A 55 31.32 0.35 15.54
CA HIS A 55 32.66 0.47 16.11
C HIS A 55 33.22 1.88 15.99
N SER A 56 33.14 2.50 14.79
CA SER A 56 33.71 3.84 14.60
C SER A 56 32.77 4.95 15.07
N GLY A 57 31.47 4.70 15.12
CA GLY A 57 30.53 5.76 15.42
C GLY A 57 30.19 6.63 14.23
N SER A 58 30.61 6.26 13.02
CA SER A 58 30.39 7.08 11.85
C SER A 58 28.93 7.02 11.44
N THR A 59 28.34 8.16 11.13
CA THR A 59 26.92 8.23 10.80
C THR A 59 26.77 8.68 9.35
N ASN A 60 25.94 7.97 8.61
CA ASN A 60 25.61 8.35 7.24
C ASN A 60 24.13 8.69 7.19
N TYR A 61 23.82 9.79 6.50
CA TYR A 61 22.48 10.39 6.54
C TYR A 61 21.98 10.62 5.12
N LYS A 62 20.67 10.50 4.94
CA LYS A 62 20.02 10.99 3.72
C LYS A 62 20.03 12.52 3.72
N SER A 63 20.51 13.11 2.62
CA SER A 63 20.78 14.53 2.56
C SER A 63 19.57 15.37 2.99
N SER A 64 18.39 15.08 2.44
CA SER A 64 17.22 15.91 2.73
C SER A 64 16.77 15.85 4.19
N LEU A 65 17.16 14.82 4.93
CA LEU A 65 16.77 14.68 6.32
C LEU A 65 17.85 15.12 7.31
N LYS A 66 19.02 15.58 6.84
CA LYS A 66 20.16 15.68 7.74
C LYS A 66 19.95 16.73 8.85
N ARG A 67 19.15 17.76 8.59
N ARG A 67 19.13 17.75 8.59
CA ARG A 67 18.90 18.76 9.62
CA ARG A 67 18.86 18.77 9.59
C ARG A 67 17.94 18.27 10.70
C ARG A 67 17.78 18.37 10.59
N ARG A 68 17.23 17.16 10.46
CA ARG A 68 16.20 16.68 11.37
C ARG A 68 16.55 15.37 12.07
N LEU A 69 17.65 14.75 11.69
CA LEU A 69 17.89 13.34 11.99
C LEU A 69 19.10 13.21 12.90
N THR A 70 18.98 12.36 13.92
CA THR A 70 20.14 11.93 14.68
C THR A 70 20.02 10.43 14.96
N ILE A 71 21.10 9.71 14.67
CA ILE A 71 21.18 8.27 14.88
C ILE A 71 22.30 7.99 15.86
N SER A 72 22.05 7.11 16.83
CA SER A 72 23.09 6.91 17.85
C SER A 72 23.05 5.51 18.43
N THR A 73 24.12 5.14 19.14
CA THR A 73 24.19 3.87 19.84
C THR A 73 24.23 4.09 21.35
N ASP A 74 23.77 3.09 22.08
CA ASP A 74 23.86 3.04 23.54
C ASP A 74 24.44 1.67 23.89
N THR A 75 25.70 1.66 24.35
CA THR A 75 26.35 0.39 24.61
C THR A 75 25.90 -0.26 25.91
N SER A 76 25.39 0.52 26.87
CA SER A 76 24.96 -0.08 28.13
C SER A 76 23.68 -0.89 27.97
N LYS A 77 22.87 -0.57 26.97
CA LYS A 77 21.68 -1.36 26.68
C LYS A 77 21.80 -2.15 25.39
N ASN A 78 22.94 -2.07 24.70
CA ASN A 78 23.15 -2.70 23.40
C ASN A 78 22.05 -2.32 22.41
N GLN A 79 21.83 -1.01 22.24
CA GLN A 79 20.75 -0.49 21.41
C GLN A 79 21.29 0.52 20.40
N PHE A 80 20.52 0.75 19.34
CA PHE A 80 20.71 1.98 18.60
C PHE A 80 19.36 2.65 18.38
N SER A 81 19.40 3.91 17.97
CA SER A 81 18.17 4.69 18.06
C SER A 81 18.12 5.73 16.94
N LEU A 82 16.89 6.19 16.72
CA LEU A 82 16.52 7.13 15.67
C LEU A 82 15.71 8.26 16.28
N LYS A 83 16.15 9.51 16.06
CA LYS A 83 15.33 10.68 16.37
C LYS A 83 15.16 11.51 15.10
N LEU A 84 13.93 11.90 14.81
CA LEU A 84 13.61 12.69 13.62
C LEU A 84 12.65 13.80 14.02
N THR A 85 13.10 15.05 13.96
CA THR A 85 12.33 16.20 14.42
C THR A 85 11.39 16.75 13.34
N SER A 86 10.49 17.64 13.78
CA SER A 86 9.61 18.43 12.92
C SER A 86 8.85 17.54 11.93
N VAL A 87 8.16 16.59 12.50
CA VAL A 87 7.58 15.51 11.71
C VAL A 87 6.32 15.99 11.01
N THR A 88 6.16 15.60 9.74
CA THR A 88 4.98 15.89 8.94
C THR A 88 4.32 14.58 8.48
N ALA A 89 3.22 14.75 7.73
CA ALA A 89 2.47 13.62 7.21
C ALA A 89 3.30 12.75 6.27
N ALA A 90 4.32 13.32 5.62
CA ALA A 90 5.19 12.52 4.77
C ALA A 90 6.01 11.50 5.56
N ASP A 91 6.01 11.57 6.89
CA ASP A 91 6.81 10.70 7.72
C ASP A 91 6.05 9.49 8.25
N THR A 92 4.77 9.37 7.93
CA THR A 92 4.01 8.17 8.27
C THR A 92 4.55 6.98 7.47
N ALA A 93 4.93 5.91 8.16
CA ALA A 93 5.50 4.76 7.47
C ALA A 93 5.69 3.62 8.45
N VAL A 94 6.00 2.44 7.92
CA VAL A 94 6.55 1.37 8.73
C VAL A 94 8.06 1.59 8.80
N TYR A 95 8.60 1.65 10.00
CA TYR A 95 10.03 1.84 10.22
C TYR A 95 10.67 0.50 10.58
N TYR A 96 11.76 0.17 9.91
CA TYR A 96 12.57 -1.01 10.16
C TYR A 96 13.97 -0.59 10.62
N CYS A 97 14.46 -1.32 11.62
CA CYS A 97 15.90 -1.34 11.87
C CYS A 97 16.49 -2.56 11.16
N ALA A 98 17.76 -2.42 10.76
CA ALA A 98 18.41 -3.47 9.98
C ALA A 98 19.91 -3.36 10.16
N ARG A 99 20.60 -4.48 9.92
CA ARG A 99 22.05 -4.52 10.01
C ARG A 99 22.63 -4.62 8.61
N TRP A 100 23.40 -3.60 8.22
CA TRP A 100 24.15 -3.66 6.98
C TRP A 100 25.48 -4.37 7.26
N SER A 101 25.73 -5.43 6.49
CA SER A 101 26.95 -6.22 6.63
C SER A 101 27.54 -6.47 5.25
N THR A 102 28.47 -5.60 4.83
CA THR A 102 29.24 -5.74 3.60
C THR A 102 28.44 -5.57 2.32
N ALA A 103 27.43 -6.44 2.08
CA ALA A 103 26.76 -6.44 0.78
C ALA A 103 25.24 -6.60 0.81
N ASP A 104 24.62 -6.74 1.98
CA ASP A 104 23.16 -6.73 2.08
C ASP A 104 22.79 -6.42 3.52
N PHE A 105 21.49 -6.25 3.75
CA PHE A 105 20.92 -6.15 5.10
C PHE A 105 20.59 -7.57 5.54
N ASP A 106 21.44 -8.16 6.39
CA ASP A 106 21.28 -9.58 6.68
C ASP A 106 20.40 -9.86 7.89
N TYR A 107 20.13 -8.86 8.73
CA TYR A 107 19.18 -9.02 9.82
C TYR A 107 18.30 -7.79 9.88
N TRP A 108 17.02 -8.01 10.19
CA TRP A 108 16.01 -6.96 10.19
C TRP A 108 15.15 -7.07 11.44
N GLY A 109 14.65 -5.92 11.90
CA GLY A 109 13.61 -5.91 12.90
C GLY A 109 12.28 -6.37 12.30
N GLN A 110 11.24 -6.28 13.13
CA GLN A 110 9.91 -6.67 12.68
C GLN A 110 9.20 -5.56 11.93
N GLY A 111 9.64 -4.31 12.09
CA GLY A 111 8.90 -3.18 11.60
C GLY A 111 7.98 -2.62 12.67
N VAL A 112 7.86 -1.31 12.74
CA VAL A 112 6.89 -0.66 13.62
C VAL A 112 6.20 0.44 12.84
N LEU A 113 4.88 0.40 12.80
CA LEU A 113 4.12 1.44 12.10
C LEU A 113 4.13 2.72 12.92
N VAL A 114 4.52 3.83 12.30
CA VAL A 114 4.42 5.13 12.93
C VAL A 114 3.51 5.99 12.06
N THR A 115 2.50 6.57 12.70
CA THR A 115 1.49 7.37 12.02
C THR A 115 1.55 8.79 12.54
N VAL A 116 1.65 9.74 11.63
CA VAL A 116 1.63 11.15 11.99
C VAL A 116 0.21 11.66 11.77
N SER A 117 -0.43 12.06 12.86
CA SER A 117 -1.79 12.58 12.84
C SER A 117 -2.05 13.27 14.16
N SER A 118 -2.74 14.41 14.10
CA SER A 118 -3.15 15.08 15.32
C SER A 118 -4.55 14.66 15.75
N ALA A 119 -5.05 13.55 15.21
CA ALA A 119 -6.40 13.10 15.50
C ALA A 119 -6.50 12.48 16.88
N SER A 120 -7.67 12.62 17.48
CA SER A 120 -8.04 11.83 18.66
C SER A 120 -8.95 10.70 18.22
N THR A 121 -9.24 9.78 19.15
CA THR A 121 -10.09 8.65 18.83
C THR A 121 -11.46 9.13 18.36
N LYS A 122 -11.94 8.56 17.26
CA LYS A 122 -13.18 9.04 16.66
C LYS A 122 -13.79 7.94 15.82
N GLY A 123 -15.09 7.70 16.02
CA GLY A 123 -15.82 6.73 15.24
C GLY A 123 -16.18 7.26 13.86
N PRO A 124 -16.40 6.34 12.92
CA PRO A 124 -16.63 6.75 11.53
C PRO A 124 -18.04 7.24 11.27
N SER A 125 -18.17 8.07 10.24
CA SER A 125 -19.45 8.24 9.56
C SER A 125 -19.56 7.15 8.50
N VAL A 126 -20.78 6.65 8.29
CA VAL A 126 -20.99 5.57 7.34
C VAL A 126 -22.02 6.02 6.31
N PHE A 127 -21.59 6.11 5.05
CA PHE A 127 -22.42 6.61 3.97
C PHE A 127 -22.72 5.50 2.99
N PRO A 128 -23.96 5.41 2.50
CA PRO A 128 -24.29 4.37 1.53
C PRO A 128 -23.67 4.68 0.18
N LEU A 129 -23.28 3.62 -0.53
CA LEU A 129 -22.92 3.67 -1.95
C LEU A 129 -24.00 2.89 -2.67
N ALA A 130 -25.06 3.57 -3.01
CA ALA A 130 -26.18 2.86 -3.62
C ALA A 130 -25.92 2.71 -5.13
N PRO A 131 -26.34 1.61 -5.73
CA PRO A 131 -26.21 1.50 -7.19
C PRO A 131 -27.11 2.50 -7.88
N SER A 132 -26.55 3.22 -8.85
CA SER A 132 -27.37 4.10 -9.66
C SER A 132 -28.38 3.27 -10.43
N SER A 133 -29.50 3.89 -10.77
CA SER A 133 -30.50 3.19 -11.56
C SER A 133 -29.89 2.71 -12.87
N LYS A 134 -29.12 3.58 -13.54
CA LYS A 134 -28.51 3.21 -14.82
C LYS A 134 -27.60 2.00 -14.67
N SER A 135 -26.80 1.96 -13.61
CA SER A 135 -25.72 1.00 -13.46
C SER A 135 -26.19 -0.45 -13.40
N THR A 136 -27.49 -0.69 -13.19
CA THR A 136 -27.98 -2.06 -13.02
C THR A 136 -28.28 -2.75 -14.33
N SER A 137 -28.01 -2.10 -15.47
CA SER A 137 -28.52 -2.57 -16.75
C SER A 137 -27.97 -3.95 -17.15
N GLY A 138 -26.72 -4.26 -16.79
CA GLY A 138 -26.20 -5.54 -17.22
C GLY A 138 -26.63 -6.75 -16.41
N GLY A 139 -27.38 -6.58 -15.32
CA GLY A 139 -27.79 -7.69 -14.50
C GLY A 139 -26.97 -7.89 -13.24
N THR A 140 -25.92 -7.12 -13.01
CA THR A 140 -25.24 -7.12 -11.73
C THR A 140 -25.23 -5.71 -11.18
N ALA A 141 -25.47 -5.60 -9.88
CA ALA A 141 -25.48 -4.34 -9.19
C ALA A 141 -24.33 -4.32 -8.20
N ALA A 142 -23.58 -3.22 -8.20
CA ALA A 142 -22.53 -2.99 -7.22
C ALA A 142 -23.07 -2.02 -6.18
N LEU A 143 -22.98 -2.39 -4.92
CA LEU A 143 -23.41 -1.48 -3.85
C LEU A 143 -22.38 -1.55 -2.75
N GLY A 144 -22.45 -0.61 -1.82
CA GLY A 144 -21.43 -0.59 -0.79
C GLY A 144 -21.67 0.43 0.28
N CYS A 145 -20.63 0.63 1.08
CA CYS A 145 -20.62 1.55 2.20
C CYS A 145 -19.26 2.22 2.24
N LEU A 146 -19.28 3.52 2.43
CA LEU A 146 -18.10 4.35 2.60
C LEU A 146 -17.99 4.65 4.10
N VAL A 147 -16.94 4.15 4.75
CA VAL A 147 -16.76 4.38 6.18
C VAL A 147 -15.60 5.38 6.32
N LYS A 148 -15.94 6.58 6.79
CA LYS A 148 -15.09 7.74 6.58
C LYS A 148 -14.80 8.45 7.91
N ASP A 149 -13.58 8.97 8.03
CA ASP A 149 -13.17 9.88 9.09
C ASP A 149 -13.15 9.21 10.46
N TYR A 150 -12.39 8.12 10.58
CA TYR A 150 -12.25 7.45 11.87
C TYR A 150 -10.78 7.35 12.26
N PHE A 151 -10.55 7.01 13.54
CA PHE A 151 -9.20 6.90 14.08
C PHE A 151 -9.22 6.26 15.46
N PRO A 152 -8.31 5.30 15.76
CA PRO A 152 -7.36 4.74 14.79
C PRO A 152 -7.90 3.49 14.10
N GLU A 153 -7.04 2.78 13.39
CA GLU A 153 -7.40 1.47 12.85
C GLU A 153 -7.64 0.51 14.01
N PRO A 154 -8.45 -0.55 13.80
CA PRO A 154 -9.22 -0.87 12.58
C PRO A 154 -10.73 -0.74 12.74
N VAL A 155 -11.44 -0.83 11.61
CA VAL A 155 -12.88 -1.04 11.59
C VAL A 155 -13.14 -2.42 11.01
N THR A 156 -14.26 -3.02 11.41
CA THR A 156 -14.72 -4.25 10.79
C THR A 156 -16.02 -3.94 10.06
N VAL A 157 -16.21 -4.59 8.91
CA VAL A 157 -17.40 -4.46 8.10
C VAL A 157 -17.91 -5.85 7.79
N SER A 158 -19.20 -6.08 8.03
CA SER A 158 -19.88 -7.26 7.54
C SER A 158 -21.13 -6.82 6.79
N TRP A 159 -21.72 -7.73 6.04
CA TRP A 159 -22.93 -7.44 5.30
C TRP A 159 -24.04 -8.35 5.79
N ASN A 160 -25.18 -7.73 6.12
CA ASN A 160 -26.36 -8.45 6.60
C ASN A 160 -26.00 -9.39 7.75
N SER A 161 -25.26 -8.86 8.72
CA SER A 161 -24.86 -9.59 9.92
C SER A 161 -24.04 -10.83 9.60
N GLY A 162 -23.35 -10.83 8.45
CA GLY A 162 -22.53 -11.96 8.08
C GLY A 162 -23.18 -13.02 7.22
N ALA A 163 -24.46 -12.86 6.86
CA ALA A 163 -25.07 -13.80 5.95
C ALA A 163 -24.61 -13.60 4.51
N LEU A 164 -24.03 -12.44 4.19
CA LEU A 164 -23.63 -12.13 2.83
C LEU A 164 -22.10 -12.05 2.81
N THR A 165 -21.47 -13.01 2.14
CA THR A 165 -20.01 -13.04 2.06
C THR A 165 -19.53 -13.13 0.62
N SER A 166 -20.32 -13.75 -0.25
CA SER A 166 -19.92 -13.94 -1.63
C SER A 166 -19.91 -12.61 -2.38
N GLY A 167 -18.77 -12.28 -2.98
CA GLY A 167 -18.64 -11.07 -3.75
C GLY A 167 -18.28 -9.84 -2.96
N VAL A 168 -18.16 -9.96 -1.65
CA VAL A 168 -17.73 -8.85 -0.80
C VAL A 168 -16.25 -8.55 -1.00
N HIS A 169 -15.92 -7.27 -1.19
CA HIS A 169 -14.55 -6.77 -1.18
C HIS A 169 -14.54 -5.59 -0.19
N THR A 170 -13.82 -5.75 0.90
CA THR A 170 -13.52 -4.64 1.80
C THR A 170 -12.08 -4.19 1.56
N PHE A 171 -11.92 -2.93 1.19
CA PHE A 171 -10.63 -2.39 0.79
C PHE A 171 -9.80 -1.99 2.00
N PRO A 172 -8.47 -2.10 1.92
CA PRO A 172 -7.64 -1.60 3.01
C PRO A 172 -7.83 -0.10 3.20
N ALA A 173 -7.71 0.34 4.44
CA ALA A 173 -7.93 1.73 4.79
C ALA A 173 -6.80 2.58 4.25
N VAL A 174 -7.13 3.84 3.93
CA VAL A 174 -6.12 4.82 3.56
C VAL A 174 -6.20 5.99 4.53
N LEU A 175 -5.04 6.53 4.86
CA LEU A 175 -4.97 7.71 5.70
C LEU A 175 -5.18 8.94 4.84
N GLN A 176 -6.18 9.74 5.18
CA GLN A 176 -6.44 10.95 4.42
C GLN A 176 -5.53 12.06 4.93
N SER A 177 -5.42 13.11 4.11
CA SER A 177 -4.62 14.27 4.51
C SER A 177 -5.07 14.87 5.83
N SER A 178 -6.32 14.61 6.24
CA SER A 178 -6.80 15.11 7.52
C SER A 178 -6.22 14.35 8.72
N GLY A 179 -5.57 13.22 8.51
CA GLY A 179 -5.11 12.40 9.61
C GLY A 179 -6.13 11.37 10.06
N LEU A 180 -7.27 11.27 9.38
CA LEU A 180 -8.29 10.29 9.67
C LEU A 180 -8.31 9.25 8.56
N TYR A 181 -8.77 8.05 8.91
CA TYR A 181 -8.80 6.95 7.97
C TYR A 181 -10.14 6.94 7.23
N SER A 182 -10.15 6.26 6.09
CA SER A 182 -11.36 6.03 5.33
C SER A 182 -11.20 4.73 4.55
N LEU A 183 -12.25 3.93 4.49
CA LEU A 183 -12.28 2.80 3.57
C LEU A 183 -13.67 2.64 2.98
N SER A 184 -13.75 1.73 2.02
CA SER A 184 -15.02 1.33 1.44
C SER A 184 -15.13 -0.18 1.45
N SER A 185 -16.37 -0.66 1.60
CA SER A 185 -16.71 -2.06 1.45
C SER A 185 -17.81 -2.18 0.40
N VAL A 186 -17.58 -3.03 -0.60
CA VAL A 186 -18.51 -3.18 -1.72
C VAL A 186 -18.90 -4.64 -1.87
N VAL A 187 -20.03 -4.86 -2.54
CA VAL A 187 -20.52 -6.19 -2.87
C VAL A 187 -21.33 -6.09 -4.15
N THR A 188 -21.15 -7.07 -5.03
CA THR A 188 -21.97 -7.21 -6.23
C THR A 188 -23.03 -8.28 -5.99
N VAL A 189 -24.26 -7.98 -6.40
CA VAL A 189 -25.42 -8.87 -6.26
C VAL A 189 -26.17 -8.88 -7.59
N PRO A 190 -27.15 -9.76 -7.79
CA PRO A 190 -27.97 -9.65 -9.00
C PRO A 190 -28.87 -8.43 -8.97
N SER A 191 -29.04 -7.80 -10.14
CA SER A 191 -29.95 -6.67 -10.26
C SER A 191 -31.36 -7.01 -9.80
N SER A 192 -31.86 -8.18 -10.19
CA SER A 192 -33.23 -8.58 -9.83
C SER A 192 -33.42 -8.69 -8.33
N SER A 193 -32.35 -8.87 -7.57
CA SER A 193 -32.51 -8.99 -6.13
C SER A 193 -32.60 -7.63 -5.44
N LEU A 194 -32.44 -6.52 -6.16
CA LEU A 194 -32.49 -5.22 -5.50
C LEU A 194 -33.88 -4.91 -4.97
N GLY A 195 -34.93 -5.45 -5.60
CA GLY A 195 -36.27 -5.22 -5.12
C GLY A 195 -36.76 -6.19 -4.07
N THR A 196 -36.02 -7.27 -3.83
CA THR A 196 -36.44 -8.30 -2.89
C THR A 196 -35.55 -8.34 -1.64
N GLN A 197 -34.24 -8.37 -1.82
CA GLN A 197 -33.31 -8.49 -0.71
C GLN A 197 -32.96 -7.12 -0.14
N THR A 198 -32.82 -7.08 1.18
CA THR A 198 -32.36 -5.90 1.89
C THR A 198 -30.86 -6.02 2.15
N TYR A 199 -30.14 -4.90 2.00
CA TYR A 199 -28.68 -4.91 2.09
C TYR A 199 -28.25 -3.88 3.12
N ILE A 200 -27.64 -4.35 4.20
CA ILE A 200 -27.21 -3.53 5.33
C ILE A 200 -25.75 -3.83 5.61
N CYS A 201 -24.94 -2.79 5.75
CA CYS A 201 -23.58 -3.00 6.21
C CYS A 201 -23.50 -2.71 7.71
N ASN A 202 -22.78 -3.58 8.41
CA ASN A 202 -22.56 -3.47 9.84
C ASN A 202 -21.09 -3.10 10.05
N VAL A 203 -20.85 -1.92 10.61
CA VAL A 203 -19.52 -1.38 10.84
C VAL A 203 -19.29 -1.32 12.34
N ASN A 204 -18.20 -1.93 12.80
CA ASN A 204 -17.77 -1.86 14.19
C ASN A 204 -16.43 -1.16 14.27
N HIS A 205 -16.32 -0.19 15.18
CA HIS A 205 -15.07 0.50 15.45
C HIS A 205 -14.91 0.45 16.97
N LYS A 206 -14.21 -0.58 17.43
CA LYS A 206 -14.04 -0.81 18.87
C LYS A 206 -13.28 0.30 19.59
N PRO A 207 -12.22 0.88 19.02
CA PRO A 207 -11.50 1.93 19.78
C PRO A 207 -12.40 3.08 20.20
N SER A 208 -13.46 3.36 19.46
CA SER A 208 -14.45 4.36 19.85
C SER A 208 -15.74 3.74 20.36
N ASN A 209 -15.83 2.40 20.38
CA ASN A 209 -17.03 1.68 20.80
C ASN A 209 -18.25 2.12 20.00
N THR A 210 -18.13 2.06 18.67
CA THR A 210 -19.23 2.46 17.80
C THR A 210 -19.67 1.29 16.93
N LYS A 211 -20.99 1.07 16.87
CA LYS A 211 -21.61 0.09 16.00
C LYS A 211 -22.64 0.83 15.14
N VAL A 212 -22.43 0.83 13.84
CA VAL A 212 -23.33 1.46 12.89
C VAL A 212 -23.87 0.40 11.95
N ASP A 213 -25.18 0.42 11.73
CA ASP A 213 -25.80 -0.38 10.66
C ASP A 213 -26.37 0.60 9.64
N LYS A 214 -25.98 0.44 8.38
CA LYS A 214 -26.45 1.34 7.33
C LYS A 214 -27.18 0.54 6.27
N ARG A 215 -28.46 0.84 6.10
CA ARG A 215 -29.26 0.28 5.03
C ARG A 215 -28.89 0.97 3.72
N VAL A 216 -28.60 0.20 2.70
CA VAL A 216 -28.23 0.70 1.39
C VAL A 216 -29.43 0.53 0.46
N GLU A 217 -30.07 1.64 0.10
CA GLU A 217 -31.34 1.68 -0.60
C GLU A 217 -31.13 1.88 -2.10
N PRO A 218 -31.76 1.08 -2.96
CA PRO A 218 -31.63 1.31 -4.41
C PRO A 218 -32.22 2.66 -4.81
N LYS A 219 -31.62 3.27 -5.81
CA LYS A 219 -32.14 4.50 -6.40
C LYS A 219 -33.26 4.19 -7.37
N SER A 220 -34.24 5.10 -7.45
CA SER A 220 -35.34 4.97 -8.39
C SER A 220 -35.65 6.31 -9.05
N CYS A 221 -35.88 6.27 -10.37
CA CYS A 221 -36.08 7.49 -11.15
C CYS A 221 -37.53 7.91 -11.25
N ASP A 222 -38.47 6.98 -11.15
CA ASP A 222 -39.85 7.28 -11.40
C ASP A 222 -40.72 6.61 -10.34
N ASP B 1 21.60 10.86 -6.37
CA ASP B 1 21.08 9.56 -5.97
C ASP B 1 20.94 8.61 -7.16
N ILE B 2 21.29 7.36 -6.93
CA ILE B 2 21.13 6.34 -7.95
C ILE B 2 19.68 5.88 -7.95
N VAL B 3 19.05 5.90 -9.12
CA VAL B 3 17.67 5.47 -9.30
C VAL B 3 17.66 4.02 -9.77
N MET B 4 16.94 3.18 -9.03
CA MET B 4 16.72 1.79 -9.43
C MET B 4 15.31 1.63 -10.00
N THR B 5 15.21 0.97 -11.14
CA THR B 5 13.94 0.59 -11.73
C THR B 5 13.86 -0.92 -11.89
N GLN B 6 12.63 -1.43 -11.92
CA GLN B 6 12.38 -2.86 -11.93
C GLN B 6 11.28 -3.15 -12.93
N SER B 7 11.37 -4.33 -13.55
CA SER B 7 10.46 -4.72 -14.60
C SER B 7 10.25 -6.22 -14.56
N PRO B 8 9.01 -6.70 -14.70
CA PRO B 8 7.79 -5.89 -14.81
C PRO B 8 7.32 -5.40 -13.45
N SER B 9 6.24 -4.62 -13.41
CA SER B 9 5.67 -4.25 -12.12
C SER B 9 5.07 -5.47 -11.42
N SER B 10 4.50 -6.39 -12.19
CA SER B 10 4.04 -7.64 -11.63
C SER B 10 4.18 -8.72 -12.69
N LEU B 11 4.40 -9.95 -12.24
CA LEU B 11 4.74 -11.04 -13.12
C LEU B 11 3.80 -12.20 -12.81
N SER B 12 3.14 -12.71 -13.85
CA SER B 12 2.17 -13.79 -13.68
C SER B 12 2.90 -15.12 -13.75
N ALA B 13 2.69 -15.95 -12.72
CA ALA B 13 3.41 -17.21 -12.60
C ALA B 13 2.49 -18.27 -12.04
N SER B 14 2.86 -19.52 -12.29
CA SER B 14 2.22 -20.69 -11.69
C SER B 14 3.27 -21.50 -10.93
N VAL B 15 2.79 -22.30 -9.98
CA VAL B 15 3.67 -23.19 -9.23
C VAL B 15 4.44 -24.07 -10.20
N GLY B 16 5.76 -24.14 -10.00
CA GLY B 16 6.61 -24.94 -10.86
C GLY B 16 7.25 -24.17 -12.00
N ASP B 17 6.84 -22.93 -12.25
CA ASP B 17 7.41 -22.16 -13.34
C ASP B 17 8.81 -21.69 -12.98
N THR B 18 9.60 -21.39 -14.02
CA THR B 18 10.81 -20.61 -13.88
C THR B 18 10.54 -19.19 -14.36
N VAL B 19 10.74 -18.21 -13.48
CA VAL B 19 10.48 -16.82 -13.84
C VAL B 19 11.71 -15.98 -13.61
N THR B 20 11.84 -14.92 -14.41
CA THR B 20 12.95 -13.97 -14.28
C THR B 20 12.41 -12.55 -14.21
N ILE B 21 12.89 -11.78 -13.23
CA ILE B 21 12.55 -10.38 -13.09
C ILE B 21 13.82 -9.56 -13.25
N THR B 22 13.65 -8.28 -13.60
CA THR B 22 14.72 -7.43 -14.09
C THR B 22 14.85 -6.18 -13.24
N CYS B 23 16.10 -5.74 -13.04
CA CYS B 23 16.45 -4.54 -12.31
C CYS B 23 17.40 -3.73 -13.19
N ARG B 24 17.28 -2.42 -13.16
N ARG B 24 17.30 -2.41 -13.10
CA ARG B 24 18.15 -1.53 -13.89
CA ARG B 24 18.11 -1.51 -13.89
C ARG B 24 18.59 -0.38 -12.99
C ARG B 24 18.57 -0.34 -13.02
N ALA B 25 19.86 -0.03 -13.08
CA ALA B 25 20.42 1.08 -12.32
C ALA B 25 20.68 2.26 -13.25
N SER B 26 20.48 3.47 -12.74
CA SER B 26 20.66 4.66 -13.56
C SER B 26 22.12 4.96 -13.85
N GLN B 27 23.06 4.39 -13.09
CA GLN B 27 24.48 4.45 -13.39
C GLN B 27 25.09 3.06 -13.27
N ASP B 28 26.31 2.94 -13.79
CA ASP B 28 27.16 1.78 -13.56
C ASP B 28 27.41 1.55 -12.07
N ILE B 29 26.86 0.48 -11.50
CA ILE B 29 27.10 0.16 -10.10
C ILE B 29 27.98 -1.10 -9.95
N THR B 30 28.69 -1.50 -11.01
CA THR B 30 29.41 -2.78 -11.05
C THR B 30 28.53 -3.90 -10.51
N ASN B 31 28.97 -4.60 -9.45
CA ASN B 31 28.16 -5.69 -8.89
C ASN B 31 27.64 -5.42 -7.48
N ASP B 32 27.53 -4.15 -7.07
CA ASP B 32 27.00 -3.81 -5.75
C ASP B 32 25.48 -3.78 -5.77
N LEU B 33 24.90 -4.97 -5.87
CA LEU B 33 23.48 -5.13 -6.10
C LEU B 33 22.97 -6.32 -5.31
N ALA B 34 21.95 -6.10 -4.50
CA ALA B 34 21.32 -7.15 -3.69
C ALA B 34 19.84 -7.25 -4.01
N TRP B 35 19.27 -8.43 -3.77
CA TRP B 35 17.86 -8.70 -3.95
C TRP B 35 17.26 -9.19 -2.64
N TYR B 36 16.02 -8.75 -2.39
CA TYR B 36 15.24 -9.04 -1.19
C TYR B 36 13.84 -9.52 -1.57
N GLN B 37 13.30 -10.38 -0.71
CA GLN B 37 11.91 -10.80 -0.80
C GLN B 37 11.13 -10.22 0.39
N GLN B 38 9.92 -9.73 0.12
CA GLN B 38 9.04 -9.27 1.19
C GLN B 38 7.67 -9.88 1.00
N LYS B 39 7.15 -10.49 2.06
CA LYS B 39 5.82 -11.04 2.15
C LYS B 39 4.91 -10.09 2.92
N PRO B 40 3.59 -10.21 2.78
CA PRO B 40 2.70 -9.23 3.42
C PRO B 40 2.84 -9.23 4.94
N GLY B 41 2.99 -8.03 5.50
CA GLY B 41 3.09 -7.83 6.93
C GLY B 41 4.43 -8.16 7.56
N LYS B 42 5.41 -8.59 6.77
CA LYS B 42 6.71 -9.01 7.30
C LYS B 42 7.82 -8.13 6.77
N ALA B 43 8.97 -8.19 7.44
CA ALA B 43 10.14 -7.43 6.99
C ALA B 43 10.76 -8.10 5.77
N PRO B 44 11.47 -7.33 4.94
CA PRO B 44 12.18 -7.93 3.80
C PRO B 44 13.26 -8.89 4.30
N LYS B 45 13.56 -9.88 3.45
CA LYS B 45 14.58 -10.88 3.71
C LYS B 45 15.55 -10.91 2.54
N ALA B 46 16.85 -10.84 2.84
CA ALA B 46 17.87 -10.85 1.79
C ALA B 46 17.92 -12.21 1.10
N LEU B 47 18.02 -12.17 -0.23
CA LEU B 47 18.12 -13.37 -1.04
C LEU B 47 19.45 -13.47 -1.76
N ILE B 48 19.89 -12.38 -2.39
CA ILE B 48 21.06 -12.42 -3.26
C ILE B 48 21.90 -11.19 -2.97
N TYR B 49 23.23 -11.37 -2.91
CA TYR B 49 24.13 -10.24 -2.76
C TYR B 49 25.24 -10.36 -3.79
N TYR B 50 25.89 -9.22 -4.06
CA TYR B 50 26.91 -9.16 -5.12
C TYR B 50 26.37 -9.70 -6.44
N ALA B 51 25.09 -9.38 -6.71
CA ALA B 51 24.40 -9.72 -7.96
C ALA B 51 24.13 -11.22 -8.10
N SER B 52 24.93 -12.08 -7.47
CA SER B 52 24.86 -13.50 -7.76
C SER B 52 25.02 -14.42 -6.57
N ASN B 53 25.48 -13.93 -5.41
CA ASN B 53 25.77 -14.80 -4.28
C ASN B 53 24.48 -15.11 -3.50
N LEU B 54 24.23 -16.38 -3.28
CA LEU B 54 23.08 -16.81 -2.50
C LEU B 54 23.32 -16.55 -1.02
N GLU B 55 22.44 -15.77 -0.40
CA GLU B 55 22.54 -15.54 1.04
C GLU B 55 22.26 -16.84 1.81
N SER B 56 22.78 -16.90 3.03
CA SER B 56 22.71 -18.12 3.83
C SER B 56 21.26 -18.44 4.22
N GLY B 57 20.92 -19.73 4.16
CA GLY B 57 19.58 -20.16 4.47
C GLY B 57 18.53 -19.91 3.41
N VAL B 58 18.92 -19.47 2.21
CA VAL B 58 17.99 -19.17 1.13
C VAL B 58 18.00 -20.33 0.14
N PRO B 59 16.85 -20.80 -0.34
CA PRO B 59 16.85 -21.95 -1.25
C PRO B 59 17.61 -21.65 -2.54
N SER B 60 18.29 -22.68 -3.05
CA SER B 60 19.12 -22.54 -4.24
C SER B 60 18.29 -22.38 -5.51
N ARG B 61 16.97 -22.49 -5.43
CA ARG B 61 16.15 -22.15 -6.59
C ARG B 61 16.14 -20.65 -6.88
N PHE B 62 16.72 -19.83 -6.00
CA PHE B 62 16.95 -18.43 -6.29
C PHE B 62 18.34 -18.26 -6.85
N SER B 63 18.44 -17.59 -7.99
CA SER B 63 19.73 -17.23 -8.55
C SER B 63 19.64 -15.82 -9.11
N GLY B 64 20.79 -15.22 -9.38
CA GLY B 64 20.79 -13.90 -9.96
C GLY B 64 22.04 -13.69 -10.77
N SER B 65 22.00 -12.70 -11.66
CA SER B 65 23.18 -12.39 -12.44
C SER B 65 23.13 -10.94 -12.90
N GLY B 66 24.28 -10.46 -13.36
CA GLY B 66 24.38 -9.14 -13.94
C GLY B 66 25.58 -8.39 -13.43
N ALA B 67 26.00 -7.38 -14.19
CA ALA B 67 27.06 -6.47 -13.80
C ALA B 67 26.78 -5.14 -14.46
N GLY B 68 27.18 -4.05 -13.81
CA GLY B 68 27.03 -2.74 -14.41
C GLY B 68 25.67 -2.10 -14.19
N THR B 69 24.78 -2.15 -15.20
CA THR B 69 23.49 -1.47 -15.13
C THR B 69 22.27 -2.39 -15.18
N ASP B 70 22.40 -3.65 -15.61
CA ASP B 70 21.24 -4.52 -15.79
C ASP B 70 21.42 -5.82 -15.01
N PHE B 71 20.39 -6.20 -14.25
CA PHE B 71 20.49 -7.33 -13.34
C PHE B 71 19.20 -8.15 -13.41
N THR B 72 19.33 -9.45 -13.17
CA THR B 72 18.21 -10.38 -13.20
C THR B 72 18.17 -11.21 -11.90
N LEU B 73 16.96 -11.42 -11.40
CA LEU B 73 16.68 -12.43 -10.38
C LEU B 73 15.83 -13.51 -11.02
N THR B 74 16.29 -14.77 -10.94
CA THR B 74 15.57 -15.90 -11.49
C THR B 74 15.15 -16.83 -10.35
N ILE B 75 13.90 -17.28 -10.40
CA ILE B 75 13.38 -18.31 -9.52
C ILE B 75 13.03 -19.50 -10.38
N SER B 76 13.68 -20.63 -10.14
CA SER B 76 13.33 -21.85 -10.84
C SER B 76 12.44 -22.70 -9.93
N SER B 77 11.55 -23.45 -10.57
CA SER B 77 10.59 -24.32 -9.89
C SER B 77 9.91 -23.57 -8.73
N LEU B 78 9.14 -22.56 -9.13
CA LEU B 78 8.49 -21.67 -8.18
C LEU B 78 7.54 -22.44 -7.26
N GLN B 79 7.64 -22.14 -5.95
CA GLN B 79 6.90 -22.71 -4.84
C GLN B 79 5.85 -21.74 -4.34
N PRO B 80 4.79 -22.23 -3.66
CA PRO B 80 3.71 -21.32 -3.22
C PRO B 80 4.18 -20.17 -2.37
N GLU B 81 5.16 -20.41 -1.49
CA GLU B 81 5.68 -19.34 -0.64
C GLU B 81 6.47 -18.30 -1.41
N ASP B 82 6.65 -18.45 -2.72
CA ASP B 82 7.42 -17.51 -3.51
C ASP B 82 6.59 -16.39 -4.10
N PHE B 83 5.25 -16.47 -4.03
CA PHE B 83 4.40 -15.36 -4.45
C PHE B 83 4.51 -14.25 -3.42
N ALA B 84 5.17 -13.16 -3.81
CA ALA B 84 5.61 -12.14 -2.87
C ALA B 84 6.14 -10.96 -3.67
N LEU B 85 6.62 -9.96 -2.97
CA LEU B 85 7.26 -8.81 -3.59
C LEU B 85 8.77 -9.02 -3.62
N TYR B 86 9.41 -8.52 -4.67
CA TYR B 86 10.85 -8.62 -4.81
C TYR B 86 11.44 -7.25 -5.12
N TYR B 87 12.52 -6.91 -4.42
CA TYR B 87 13.18 -5.61 -4.52
C TYR B 87 14.65 -5.79 -4.82
N CYS B 88 15.21 -4.94 -5.67
CA CYS B 88 16.66 -4.86 -5.75
C CYS B 88 17.14 -3.66 -4.94
N GLN B 89 18.45 -3.59 -4.74
CA GLN B 89 19.01 -2.55 -3.89
C GLN B 89 20.48 -2.36 -4.23
N GLN B 90 20.88 -1.14 -4.56
CA GLN B 90 22.28 -0.85 -4.86
C GLN B 90 23.01 -0.39 -3.60
N HIS B 91 24.29 -0.73 -3.50
CA HIS B 91 25.14 -0.19 -2.44
C HIS B 91 26.44 0.34 -3.01
N ASN B 92 26.40 0.77 -4.26
CA ASN B 92 27.60 1.36 -4.88
C ASN B 92 27.84 2.72 -4.25
N ASN B 93 26.81 3.38 -3.79
CA ASN B 93 27.04 4.73 -3.25
C ASN B 93 25.96 5.15 -2.27
N TYR B 94 26.28 6.03 -1.34
CA TYR B 94 25.30 6.52 -0.36
C TYR B 94 24.16 7.18 -1.09
N PRO B 95 23.03 7.26 -0.38
CA PRO B 95 21.67 7.23 -0.75
C PRO B 95 21.57 5.79 -1.23
N LEU B 96 21.57 4.87 -0.28
CA LEU B 96 21.30 3.46 -0.61
C LEU B 96 19.87 3.51 -1.12
N THR B 97 19.61 2.92 -2.25
CA THR B 97 18.31 3.08 -2.87
C THR B 97 17.82 1.72 -3.32
N PHE B 98 16.52 1.53 -3.23
CA PHE B 98 15.84 0.30 -3.62
C PHE B 98 15.02 0.58 -4.88
N GLY B 99 14.72 -0.51 -5.60
CA GLY B 99 13.77 -0.44 -6.70
C GLY B 99 12.34 -0.42 -6.20
N PRO B 100 11.40 -0.14 -7.11
CA PRO B 100 9.99 -0.04 -6.71
C PRO B 100 9.37 -1.37 -6.35
N GLY B 101 9.97 -2.46 -6.78
CA GLY B 101 9.42 -3.76 -6.45
C GLY B 101 8.72 -4.42 -7.63
N THR B 102 8.81 -5.74 -7.67
CA THR B 102 8.04 -6.57 -8.59
C THR B 102 7.25 -7.56 -7.77
N LYS B 103 5.96 -7.69 -8.06
CA LYS B 103 5.09 -8.63 -7.37
C LYS B 103 4.89 -9.86 -8.24
N VAL B 104 5.16 -11.03 -7.70
CA VAL B 104 4.93 -12.28 -8.43
C VAL B 104 3.54 -12.80 -8.08
N ASP B 105 2.70 -12.94 -9.11
CA ASP B 105 1.26 -13.21 -9.07
C ASP B 105 0.96 -14.65 -9.37
N ILE B 106 -0.23 -15.08 -8.93
CA ILE B 106 -0.82 -16.32 -9.41
C ILE B 106 -1.44 -16.07 -10.78
N LYS B 107 -0.94 -16.76 -11.80
CA LYS B 107 -1.40 -16.55 -13.17
C LYS B 107 -2.86 -16.99 -13.33
N ARG B 108 -3.62 -16.17 -14.06
CA ARG B 108 -4.98 -16.47 -14.47
C ARG B 108 -5.21 -15.75 -15.80
N THR B 109 -6.32 -16.07 -16.48
CA THR B 109 -6.60 -15.39 -17.73
C THR B 109 -6.94 -13.92 -17.49
N VAL B 110 -6.63 -13.09 -18.49
CA VAL B 110 -6.91 -11.66 -18.39
C VAL B 110 -8.40 -11.42 -18.17
N ALA B 111 -8.72 -10.50 -17.26
CA ALA B 111 -10.09 -10.14 -16.94
C ALA B 111 -10.19 -8.62 -16.88
N ALA B 112 -10.96 -8.04 -17.79
CA ALA B 112 -11.17 -6.60 -17.75
C ALA B 112 -12.00 -6.23 -16.52
N PRO B 113 -11.78 -5.05 -15.96
CA PRO B 113 -12.55 -4.65 -14.77
C PRO B 113 -13.98 -4.31 -15.14
N SER B 114 -14.88 -4.57 -14.21
CA SER B 114 -16.21 -3.97 -14.28
C SER B 114 -16.16 -2.64 -13.53
N VAL B 115 -16.61 -1.57 -14.18
CA VAL B 115 -16.46 -0.22 -13.62
C VAL B 115 -17.82 0.29 -13.16
N PHE B 116 -17.85 0.85 -11.97
CA PHE B 116 -19.05 1.44 -11.39
C PHE B 116 -18.67 2.77 -10.75
N ILE B 117 -19.56 3.75 -10.85
CA ILE B 117 -19.30 5.05 -10.25
C ILE B 117 -20.47 5.40 -9.34
N PHE B 118 -20.14 5.98 -8.18
CA PHE B 118 -21.12 6.36 -7.16
C PHE B 118 -20.99 7.84 -6.87
N PRO B 119 -22.06 8.60 -7.05
CA PRO B 119 -22.11 9.99 -6.57
C PRO B 119 -22.10 10.00 -5.06
N PRO B 120 -21.74 11.13 -4.44
CA PRO B 120 -21.87 11.23 -2.99
C PRO B 120 -23.29 10.93 -2.55
N SER B 121 -23.40 10.28 -1.38
CA SER B 121 -24.71 10.00 -0.80
C SER B 121 -25.38 11.31 -0.39
N ASP B 122 -26.72 11.25 -0.23
CA ASP B 122 -27.46 12.41 0.26
C ASP B 122 -26.95 12.87 1.62
N GLU B 123 -26.72 11.93 2.55
CA GLU B 123 -26.34 12.29 3.92
C GLU B 123 -25.01 13.03 3.94
N GLN B 124 -24.01 12.50 3.21
CA GLN B 124 -22.73 13.19 3.15
C GLN B 124 -22.90 14.60 2.61
N LEU B 125 -23.68 14.74 1.54
CA LEU B 125 -23.91 16.06 0.96
C LEU B 125 -24.46 17.02 1.99
N LYS B 126 -25.36 16.53 2.86
CA LYS B 126 -25.80 17.37 3.97
C LYS B 126 -24.64 17.72 4.90
N SER B 127 -23.65 16.82 5.04
CA SER B 127 -22.55 17.09 5.98
C SER B 127 -21.73 18.30 5.55
N GLY B 128 -21.27 18.35 4.29
CA GLY B 128 -20.42 19.46 3.86
C GLY B 128 -19.17 19.07 3.09
N THR B 129 -18.99 17.78 2.83
CA THR B 129 -17.95 17.31 1.91
C THR B 129 -18.58 16.38 0.88
N ALA B 130 -17.85 16.09 -0.18
CA ALA B 130 -18.37 15.20 -1.21
C ALA B 130 -17.28 14.20 -1.58
N SER B 131 -17.64 12.93 -1.54
CA SER B 131 -16.78 11.83 -1.97
C SER B 131 -17.45 11.15 -3.15
N VAL B 132 -16.79 11.15 -4.30
CA VAL B 132 -17.22 10.39 -5.46
C VAL B 132 -16.37 9.14 -5.54
N VAL B 133 -16.98 7.99 -5.79
CA VAL B 133 -16.26 6.73 -5.69
C VAL B 133 -16.36 5.98 -7.02
N CYS B 134 -15.23 5.42 -7.45
CA CYS B 134 -15.14 4.66 -8.69
C CYS B 134 -14.59 3.29 -8.31
N LEU B 135 -15.34 2.23 -8.62
CA LEU B 135 -14.97 0.86 -8.32
C LEU B 135 -14.58 0.14 -9.60
N LEU B 136 -13.46 -0.56 -9.55
CA LEU B 136 -12.98 -1.47 -10.58
C LEU B 136 -12.99 -2.86 -9.96
N ASN B 137 -13.87 -3.73 -10.45
CA ASN B 137 -14.13 -4.99 -9.80
C ASN B 137 -13.62 -6.16 -10.64
N ASN B 138 -12.85 -7.05 -9.99
CA ASN B 138 -12.60 -8.41 -10.45
C ASN B 138 -11.77 -8.44 -11.74
N PHE B 139 -10.64 -7.73 -11.71
CA PHE B 139 -9.78 -7.65 -12.88
C PHE B 139 -8.45 -8.35 -12.65
N TYR B 140 -7.74 -8.57 -13.74
CA TYR B 140 -6.43 -9.20 -13.77
C TYR B 140 -5.80 -9.01 -15.14
N PRO B 141 -4.52 -8.62 -15.22
CA PRO B 141 -3.57 -8.44 -14.11
C PRO B 141 -3.78 -7.17 -13.28
N ARG B 142 -2.83 -6.90 -12.38
CA ARG B 142 -3.04 -5.91 -11.34
C ARG B 142 -2.96 -4.47 -11.84
N GLU B 143 -2.21 -4.21 -12.90
CA GLU B 143 -1.95 -2.85 -13.35
C GLU B 143 -3.24 -2.21 -13.90
N ALA B 144 -3.70 -1.15 -13.25
CA ALA B 144 -4.84 -0.40 -13.75
C ALA B 144 -4.62 1.08 -13.47
N LYS B 145 -5.08 1.92 -14.39
CA LYS B 145 -4.95 3.36 -14.23
C LYS B 145 -6.35 3.98 -14.22
N VAL B 146 -6.62 4.83 -13.23
CA VAL B 146 -7.90 5.51 -13.07
C VAL B 146 -7.65 7.00 -13.12
N GLN B 147 -8.34 7.70 -14.01
CA GLN B 147 -8.27 9.15 -14.10
C GLN B 147 -9.65 9.76 -13.87
N TRP B 148 -9.69 10.81 -13.08
CA TRP B 148 -10.93 11.53 -12.83
C TRP B 148 -11.03 12.73 -13.76
N LYS B 149 -12.22 12.92 -14.32
CA LYS B 149 -12.51 14.07 -15.15
C LYS B 149 -13.82 14.68 -14.69
N VAL B 150 -13.78 15.98 -14.38
CA VAL B 150 -14.94 16.74 -13.95
C VAL B 150 -15.20 17.77 -15.03
N ASP B 151 -16.32 17.63 -15.73
CA ASP B 151 -16.63 18.46 -16.88
C ASP B 151 -15.45 18.51 -17.85
N ASN B 152 -14.89 17.33 -18.09
CA ASN B 152 -13.80 17.10 -19.04
C ASN B 152 -12.49 17.78 -18.64
N ALA B 153 -12.37 18.19 -17.39
CA ALA B 153 -11.12 18.73 -16.86
C ALA B 153 -10.47 17.66 -15.97
N LEU B 154 -9.28 17.21 -16.38
CA LEU B 154 -8.62 16.13 -15.68
C LEU B 154 -8.20 16.56 -14.27
N GLN B 155 -8.58 15.77 -13.28
CA GLN B 155 -8.25 16.08 -11.90
C GLN B 155 -6.88 15.54 -11.54
N SER B 156 -6.27 16.15 -10.52
CA SER B 156 -5.02 15.62 -9.97
C SER B 156 -4.88 16.09 -8.53
N GLY B 157 -4.38 15.17 -7.68
CA GLY B 157 -4.06 15.49 -6.30
C GLY B 157 -5.22 15.49 -5.33
N ASN B 158 -6.42 15.12 -5.76
CA ASN B 158 -7.58 15.10 -4.88
C ASN B 158 -8.27 13.74 -4.91
N SER B 159 -7.53 12.67 -5.18
CA SER B 159 -8.08 11.33 -5.18
C SER B 159 -7.10 10.40 -4.48
N GLN B 160 -7.64 9.36 -3.85
CA GLN B 160 -6.83 8.28 -3.31
C GLN B 160 -7.37 6.93 -3.76
N GLU B 161 -6.46 5.97 -3.92
CA GLU B 161 -6.78 4.64 -4.42
C GLU B 161 -6.48 3.58 -3.35
N SER B 162 -7.15 2.44 -3.48
CA SER B 162 -6.93 1.30 -2.61
C SER B 162 -7.21 0.03 -3.41
N VAL B 163 -6.36 -1.00 -3.22
CA VAL B 163 -6.42 -2.24 -3.99
C VAL B 163 -6.45 -3.41 -3.02
N THR B 164 -7.22 -4.44 -3.34
CA THR B 164 -7.20 -5.63 -2.50
C THR B 164 -6.00 -6.50 -2.85
N GLU B 165 -5.72 -7.46 -1.97
CA GLU B 165 -4.82 -8.54 -2.33
C GLU B 165 -5.50 -9.43 -3.37
N GLN B 166 -4.69 -10.26 -4.02
CA GLN B 166 -5.22 -11.16 -5.04
C GLN B 166 -6.24 -12.10 -4.42
N ASP B 167 -7.43 -12.12 -5.00
CA ASP B 167 -8.55 -12.84 -4.40
C ASP B 167 -8.22 -14.33 -4.27
N SER B 168 -8.54 -14.90 -3.10
CA SER B 168 -8.13 -16.26 -2.80
C SER B 168 -8.87 -17.28 -3.65
N LYS B 169 -10.11 -16.99 -4.07
CA LYS B 169 -10.90 -17.98 -4.77
C LYS B 169 -10.97 -17.80 -6.29
N ASP B 170 -10.72 -16.59 -6.82
CA ASP B 170 -10.70 -16.44 -8.27
C ASP B 170 -9.48 -15.71 -8.82
N SER B 171 -8.55 -15.27 -7.95
CA SER B 171 -7.27 -14.68 -8.34
C SER B 171 -7.41 -13.32 -9.02
N THR B 172 -8.47 -12.57 -8.75
CA THR B 172 -8.60 -11.24 -9.33
C THR B 172 -8.30 -10.17 -8.29
N TYR B 173 -8.15 -8.95 -8.78
CA TYR B 173 -8.00 -7.78 -7.94
C TYR B 173 -9.24 -6.89 -8.04
N SER B 174 -9.37 -6.01 -7.05
CA SER B 174 -10.33 -4.91 -7.12
C SER B 174 -9.68 -3.64 -6.60
N LEU B 175 -10.22 -2.52 -7.06
CA LEU B 175 -9.66 -1.22 -6.75
C LEU B 175 -10.78 -0.22 -6.56
N SER B 176 -10.64 0.62 -5.54
CA SER B 176 -11.50 1.77 -5.36
C SER B 176 -10.67 3.02 -5.55
N SER B 177 -11.27 4.03 -6.17
CA SER B 177 -10.69 5.35 -6.28
C SER B 177 -11.71 6.35 -5.76
N THR B 178 -11.28 7.18 -4.81
CA THR B 178 -12.16 8.12 -4.13
C THR B 178 -11.69 9.52 -4.43
N LEU B 179 -12.53 10.29 -5.10
CA LEU B 179 -12.32 11.70 -5.43
C LEU B 179 -12.98 12.52 -4.33
N THR B 180 -12.22 13.37 -3.67
CA THR B 180 -12.74 14.19 -2.57
C THR B 180 -12.79 15.66 -2.97
N LEU B 181 -13.98 16.25 -2.93
CA LEU B 181 -14.13 17.69 -3.14
C LEU B 181 -14.90 18.28 -1.97
N SER B 182 -14.74 19.59 -1.78
CA SER B 182 -15.67 20.28 -0.90
C SER B 182 -17.06 20.25 -1.53
N LYS B 183 -18.08 20.42 -0.67
CA LYS B 183 -19.44 20.45 -1.18
C LYS B 183 -19.62 21.58 -2.18
N ALA B 184 -19.08 22.77 -1.86
CA ALA B 184 -19.28 23.94 -2.70
C ALA B 184 -18.68 23.74 -4.09
N ASP B 185 -17.51 23.09 -4.17
CA ASP B 185 -16.92 22.84 -5.48
C ASP B 185 -17.66 21.73 -6.21
N TYR B 186 -18.10 20.71 -5.48
CA TYR B 186 -18.87 19.64 -6.09
C TYR B 186 -20.14 20.16 -6.74
N GLU B 187 -20.76 21.18 -6.16
CA GLU B 187 -22.01 21.70 -6.70
C GLU B 187 -21.82 22.71 -7.84
N LYS B 188 -20.58 22.93 -8.28
CA LYS B 188 -20.31 23.82 -9.39
C LYS B 188 -20.12 23.07 -10.70
N HIS B 189 -20.26 21.74 -10.71
CA HIS B 189 -20.00 20.95 -11.91
C HIS B 189 -21.10 19.94 -12.15
N LYS B 190 -21.20 19.51 -13.41
CA LYS B 190 -22.24 18.59 -13.87
C LYS B 190 -21.74 17.16 -14.05
N VAL B 191 -20.74 16.94 -14.88
CA VAL B 191 -20.41 15.58 -15.33
C VAL B 191 -19.20 15.07 -14.54
N TYR B 192 -19.40 13.99 -13.79
CA TYR B 192 -18.31 13.35 -13.07
C TYR B 192 -18.01 12.01 -13.73
N ALA B 193 -16.75 11.82 -14.09
CA ALA B 193 -16.37 10.68 -14.90
C ALA B 193 -15.08 10.08 -14.37
N CYS B 194 -15.00 8.76 -14.31
CA CYS B 194 -13.70 8.12 -14.15
C CYS B 194 -13.42 7.29 -15.40
N GLU B 195 -12.18 7.31 -15.80
CA GLU B 195 -11.69 6.70 -17.03
C GLU B 195 -10.63 5.67 -16.66
N VAL B 196 -10.80 4.44 -17.16
CA VAL B 196 -10.06 3.28 -16.69
C VAL B 196 -9.24 2.72 -17.86
N THR B 197 -7.95 2.60 -17.63
CA THR B 197 -7.01 1.96 -18.55
C THR B 197 -6.59 0.65 -17.94
N HIS B 198 -6.54 -0.40 -18.77
CA HIS B 198 -6.23 -1.74 -18.32
C HIS B 198 -5.93 -2.61 -19.53
N GLN B 199 -5.09 -3.63 -19.32
CA GLN B 199 -4.61 -4.46 -20.42
C GLN B 199 -5.76 -5.22 -21.08
N GLY B 200 -6.78 -5.58 -20.33
CA GLY B 200 -7.90 -6.27 -20.92
C GLY B 200 -8.91 -5.39 -21.63
N LEU B 201 -8.66 -4.09 -21.74
CA LEU B 201 -9.53 -3.16 -22.45
C LEU B 201 -8.86 -2.70 -23.74
N SER B 202 -9.59 -2.77 -24.85
CA SER B 202 -9.07 -2.29 -26.12
C SER B 202 -8.74 -0.80 -26.06
N SER B 203 -9.44 -0.05 -25.23
CA SER B 203 -9.33 1.39 -25.15
C SER B 203 -9.86 1.81 -23.80
N PRO B 204 -9.42 2.94 -23.25
CA PRO B 204 -9.89 3.35 -21.93
C PRO B 204 -11.42 3.46 -21.90
N VAL B 205 -12.02 2.94 -20.84
CA VAL B 205 -13.47 3.00 -20.72
C VAL B 205 -13.83 4.08 -19.71
N THR B 206 -14.98 4.72 -19.94
CA THR B 206 -15.45 5.82 -19.12
C THR B 206 -16.74 5.41 -18.45
N LYS B 207 -16.87 5.71 -17.16
CA LYS B 207 -18.13 5.65 -16.46
C LYS B 207 -18.37 7.01 -15.83
N SER B 208 -19.55 7.58 -16.09
CA SER B 208 -19.84 8.92 -15.63
C SER B 208 -21.30 9.02 -15.22
N PHE B 209 -21.60 10.10 -14.50
CA PHE B 209 -22.97 10.49 -14.22
C PHE B 209 -23.06 12.00 -14.33
N ASN B 210 -24.29 12.46 -14.56
CA ASN B 210 -24.62 13.88 -14.49
C ASN B 210 -25.33 14.16 -13.17
N ARG B 211 -24.85 15.18 -12.47
CA ARG B 211 -25.50 15.60 -11.23
C ARG B 211 -26.97 15.90 -11.47
N GLY B 212 -27.81 15.37 -10.60
CA GLY B 212 -29.23 15.65 -10.64
C GLY B 212 -30.01 14.95 -11.72
N GLU B 213 -29.43 13.94 -12.37
CA GLU B 213 -30.12 13.15 -13.38
C GLU B 213 -30.04 11.70 -12.94
N CYS B 214 -31.19 11.07 -12.76
CA CYS B 214 -31.28 9.71 -12.23
C CYS B 214 -30.99 8.66 -13.30
#